data_3BHW
#
_entry.id   3BHW
#
_cell.length_a   43.142
_cell.length_b   43.627
_cell.length_c   47.410
_cell.angle_alpha   86.000
_cell.angle_beta   85.890
_cell.angle_gamma   85.580
#
_symmetry.space_group_name_H-M   'P 1'
#
loop_
_entity.id
_entity.type
_entity.pdbx_description
1 polymer 'Uncharacterized protein'
2 water water
#
_entity_poly.entity_id   1
_entity_poly.type   'polypeptide(L)'
_entity_poly.pdbx_seq_one_letter_code
;MSLAEPRYKADIGGGSLKLPESRIIAGLLLEGVTEDQWRHAIEVENVLQRRSPGTAKRQSSLMRNRLETMGPELWQMVRD
GSTQVAIQAVFAAAIKHSTLLGDFLDLVVRDQFRMFRPDLPRKMWDQYLEQCRNRDPLMPVWQDSTANKLADCVYRILVE
VGYITDSKTYRLKSVRISGEVMSYLRENNEQYVIRCIQVSIEGHHHHHH
;
_entity_poly.pdbx_strand_id   A,B
#
# COMPACT_ATOMS: atom_id res chain seq x y z
N PRO A 6 28.13 20.03 0.86
CA PRO A 6 27.28 19.86 2.04
C PRO A 6 27.30 18.42 2.50
N ARG A 7 27.38 18.22 3.81
CA ARG A 7 27.55 16.88 4.34
C ARG A 7 26.25 16.11 4.19
N TYR A 8 25.15 16.75 4.57
CA TYR A 8 23.87 16.11 4.62
C TYR A 8 23.02 16.65 3.50
N LYS A 9 22.41 15.76 2.72
CA LYS A 9 21.50 16.19 1.67
C LYS A 9 20.23 15.40 1.72
N ALA A 10 19.20 15.92 1.05
CA ALA A 10 17.87 15.37 1.13
C ALA A 10 17.56 14.35 0.02
N ASP A 11 18.53 14.02 -0.85
CA ASP A 11 18.25 13.13 -1.98
C ASP A 11 17.55 11.82 -1.55
N ILE A 12 17.96 11.29 -0.40
CA ILE A 12 17.44 10.04 0.13
CA ILE A 12 17.43 10.05 0.18
C ILE A 12 15.90 10.03 0.24
N GLY A 13 15.30 11.21 0.40
CA GLY A 13 13.86 11.34 0.54
C GLY A 13 13.04 11.06 -0.71
N GLY A 14 13.72 10.95 -1.85
CA GLY A 14 13.03 10.68 -3.12
C GLY A 14 12.36 9.31 -3.19
N GLY A 15 12.81 8.38 -2.36
CA GLY A 15 12.18 7.06 -2.29
C GLY A 15 12.88 6.06 -1.40
N SER A 16 12.10 5.08 -0.94
CA SER A 16 12.61 4.06 -0.04
C SER A 16 13.29 2.99 -0.88
N LEU A 17 13.50 1.77 -0.33
CA LEU A 17 14.37 0.86 -1.04
C LEU A 17 13.78 0.32 -2.36
N LYS A 18 12.49 0.02 -2.33
CA LYS A 18 11.73 -0.42 -3.49
C LYS A 18 12.44 -1.52 -4.23
N LEU A 19 12.44 -2.70 -3.63
CA LEU A 19 13.20 -3.83 -4.19
C LEU A 19 12.80 -4.23 -5.61
N PRO A 20 11.48 -4.40 -5.86
CA PRO A 20 11.15 -4.84 -7.22
C PRO A 20 11.73 -3.92 -8.31
N GLU A 21 11.55 -2.63 -8.15
CA GLU A 21 12.09 -1.68 -9.12
C GLU A 21 13.61 -1.76 -9.14
N SER A 22 14.21 -1.94 -7.97
CA SER A 22 15.65 -1.94 -7.89
C SER A 22 16.22 -3.15 -8.63
N ARG A 23 15.49 -4.28 -8.61
CA ARG A 23 15.93 -5.49 -9.31
C ARG A 23 15.99 -5.26 -10.81
N ILE A 24 15.07 -4.43 -11.30
CA ILE A 24 14.98 -4.21 -12.74
C ILE A 24 16.15 -3.32 -13.11
N ILE A 25 16.45 -2.36 -12.26
CA ILE A 25 17.53 -1.39 -12.53
C ILE A 25 18.87 -2.12 -12.46
N ALA A 26 19.02 -3.01 -11.46
CA ALA A 26 20.20 -3.87 -11.34
C ALA A 26 20.40 -4.75 -12.57
N GLY A 27 19.31 -5.27 -13.15
CA GLY A 27 19.38 -5.95 -14.45
C GLY A 27 19.99 -5.09 -15.55
N LEU A 28 19.50 -3.86 -15.66
CA LEU A 28 19.97 -2.93 -16.67
C LEU A 28 21.42 -2.59 -16.44
N LEU A 29 21.83 -2.52 -15.17
CA LEU A 29 23.24 -2.24 -14.89
C LEU A 29 24.10 -3.42 -15.32
N LEU A 30 23.60 -4.64 -15.09
CA LEU A 30 24.35 -5.85 -15.44
C LEU A 30 24.36 -6.13 -16.94
N GLU A 31 23.34 -5.67 -17.67
CA GLU A 31 23.31 -5.88 -19.13
C GLU A 31 24.27 -4.93 -19.81
N GLY A 32 24.20 -3.67 -19.40
CA GLY A 32 25.06 -2.64 -19.88
C GLY A 32 24.30 -1.92 -20.96
N VAL A 33 23.87 -0.68 -20.67
CA VAL A 33 23.27 0.17 -21.71
C VAL A 33 23.88 1.56 -21.73
N THR A 34 23.80 2.24 -22.88
CA THR A 34 24.27 3.63 -22.94
C THR A 34 23.33 4.50 -22.10
N GLU A 35 23.77 5.70 -21.72
CA GLU A 35 22.96 6.60 -20.87
C GLU A 35 21.64 6.95 -21.56
N ASP A 36 21.71 7.23 -22.85
CA ASP A 36 20.51 7.51 -23.62
C ASP A 36 19.51 6.35 -23.57
N GLN A 37 20.05 5.13 -23.64
CA GLN A 37 19.23 3.92 -23.62
C GLN A 37 18.67 3.67 -22.23
N TRP A 38 19.43 4.08 -21.20
CA TRP A 38 18.94 3.98 -19.83
C TRP A 38 17.68 4.76 -19.65
N ARG A 39 17.73 6.01 -20.10
CA ARG A 39 16.55 6.91 -20.06
C ARG A 39 15.38 6.44 -20.93
N HIS A 40 15.68 5.99 -22.14
CA HIS A 40 14.65 5.37 -22.97
C HIS A 40 13.97 4.16 -22.26
N ALA A 41 14.76 3.23 -21.70
CA ALA A 41 14.20 2.04 -21.00
C ALA A 41 13.25 2.41 -19.84
N ILE A 42 13.61 3.44 -19.10
CA ILE A 42 12.80 3.88 -17.97
CA ILE A 42 12.79 3.88 -17.97
C ILE A 42 11.56 4.65 -18.43
N GLU A 43 11.79 5.63 -19.27
CA GLU A 43 10.81 6.65 -19.60
C GLU A 43 9.86 6.29 -20.73
N VAL A 44 10.33 5.48 -21.67
CA VAL A 44 9.61 5.19 -22.93
C VAL A 44 9.21 3.70 -23.01
N GLU A 45 10.17 2.79 -22.84
CA GLU A 45 9.86 1.38 -22.75
C GLU A 45 9.12 1.07 -21.45
N ASN A 46 9.27 1.93 -20.45
CA ASN A 46 8.52 1.77 -19.20
C ASN A 46 8.81 0.44 -18.49
N VAL A 47 10.09 0.14 -18.34
CA VAL A 47 10.52 -1.12 -17.70
C VAL A 47 10.10 -1.24 -16.24
N LEU A 48 9.75 -0.13 -15.59
CA LEU A 48 9.29 -0.22 -14.19
C LEU A 48 7.77 -0.43 -14.11
N GLN A 49 7.10 -0.37 -15.25
CA GLN A 49 5.65 -0.64 -15.36
C GLN A 49 4.83 0.42 -14.62
N ARG A 50 5.21 1.68 -14.78
CA ARG A 50 4.43 2.77 -14.19
C ARG A 50 3.11 2.84 -14.93
N ALA A 56 8.33 10.26 -11.78
CA ALA A 56 8.89 9.02 -12.32
C ALA A 56 10.42 9.03 -12.45
N LYS A 57 10.92 9.97 -13.26
CA LYS A 57 12.33 9.98 -13.66
C LYS A 57 13.28 10.13 -12.47
N ARG A 58 12.93 11.01 -11.53
CA ARG A 58 13.79 11.30 -10.38
C ARG A 58 14.00 10.08 -9.48
N GLN A 59 12.91 9.37 -9.22
CA GLN A 59 12.95 8.21 -8.36
C GLN A 59 13.87 7.15 -8.98
N SER A 60 13.72 6.88 -10.28
CA SER A 60 14.59 5.89 -10.94
CA SER A 60 14.59 5.92 -10.98
C SER A 60 16.05 6.33 -10.96
N SER A 61 16.29 7.63 -11.07
CA SER A 61 17.66 8.13 -11.02
CA SER A 61 17.66 8.13 -11.04
C SER A 61 18.25 7.82 -9.66
N LEU A 62 17.47 8.10 -8.61
CA LEU A 62 17.89 7.77 -7.24
C LEU A 62 18.25 6.28 -7.04
N MET A 63 17.33 5.41 -7.43
CA MET A 63 17.55 3.95 -7.24
C MET A 63 18.81 3.52 -8.03
N ARG A 64 19.02 4.09 -9.21
CA ARG A 64 20.22 3.79 -9.99
C ARG A 64 21.48 4.40 -9.35
N ASN A 65 21.40 5.68 -8.98
CA ASN A 65 22.52 6.34 -8.32
C ASN A 65 22.93 5.56 -7.09
N ARG A 66 21.92 5.18 -6.29
CA ARG A 66 22.23 4.22 -5.18
C ARG A 66 23.06 2.97 -5.57
N LEU A 67 22.56 2.19 -6.54
CA LEU A 67 23.25 0.97 -6.94
C LEU A 67 24.62 1.25 -7.57
N GLU A 68 24.79 2.40 -8.20
CA GLU A 68 26.07 2.67 -8.88
CA GLU A 68 26.05 2.76 -8.89
C GLU A 68 27.18 3.12 -7.92
N THR A 69 26.85 3.26 -6.63
CA THR A 69 27.92 3.37 -5.63
C THR A 69 28.61 2.02 -5.40
N MET A 70 28.02 0.92 -5.91
CA MET A 70 28.48 -0.46 -5.66
C MET A 70 28.78 -1.09 -7.03
N GLY A 71 29.22 -2.34 -7.02
CA GLY A 71 29.77 -2.96 -8.20
C GLY A 71 28.92 -4.09 -8.69
N PRO A 72 29.33 -4.72 -9.80
CA PRO A 72 28.53 -5.79 -10.43
C PRO A 72 28.16 -6.95 -9.51
N GLU A 73 29.01 -7.28 -8.54
CA GLU A 73 28.77 -8.39 -7.66
CA GLU A 73 28.72 -8.42 -7.70
C GLU A 73 27.49 -8.12 -6.85
N LEU A 74 27.40 -6.89 -6.38
CA LEU A 74 26.25 -6.48 -5.59
C LEU A 74 25.01 -6.24 -6.47
N TRP A 75 25.18 -5.67 -7.65
CA TRP A 75 24.07 -5.63 -8.61
C TRP A 75 23.50 -7.04 -8.84
N GLN A 76 24.36 -8.04 -8.93
CA GLN A 76 23.89 -9.41 -9.21
C GLN A 76 23.07 -9.93 -8.00
N MET A 77 23.50 -9.56 -6.79
CA MET A 77 22.75 -9.88 -5.57
CA MET A 77 22.75 -9.86 -5.56
C MET A 77 21.37 -9.24 -5.55
N VAL A 78 21.29 -8.00 -6.00
CA VAL A 78 20.01 -7.29 -6.06
C VAL A 78 19.11 -7.97 -7.07
N ARG A 79 19.65 -8.25 -8.25
CA ARG A 79 18.84 -8.81 -9.33
C ARG A 79 18.38 -10.24 -9.03
N ASP A 80 19.31 -11.05 -8.50
CA ASP A 80 19.12 -12.50 -8.43
C ASP A 80 18.84 -13.06 -7.05
N GLY A 81 19.17 -12.31 -6.01
CA GLY A 81 19.16 -12.88 -4.67
C GLY A 81 17.77 -13.00 -4.08
N SER A 82 17.71 -13.67 -2.95
CA SER A 82 16.47 -13.85 -2.24
C SER A 82 16.00 -12.47 -1.77
N THR A 83 14.76 -12.44 -1.33
CA THR A 83 14.14 -11.23 -0.86
C THR A 83 14.98 -10.52 0.22
N GLN A 84 15.39 -11.23 1.25
CA GLN A 84 16.18 -10.60 2.32
C GLN A 84 17.59 -10.24 1.85
N VAL A 85 18.22 -11.12 1.08
CA VAL A 85 19.57 -10.82 0.61
C VAL A 85 19.53 -9.56 -0.27
N ALA A 86 18.62 -9.55 -1.24
CA ALA A 86 18.51 -8.44 -2.20
C ALA A 86 18.16 -7.13 -1.48
N ILE A 87 17.21 -7.17 -0.55
CA ILE A 87 16.82 -5.90 0.10
C ILE A 87 17.98 -5.34 0.93
N GLN A 88 18.75 -6.21 1.55
CA GLN A 88 19.88 -5.77 2.35
C GLN A 88 21.00 -5.16 1.49
N ALA A 89 21.18 -5.70 0.31
CA ALA A 89 22.15 -5.17 -0.64
C ALA A 89 21.67 -3.79 -1.07
N VAL A 90 20.37 -3.67 -1.33
CA VAL A 90 19.87 -2.34 -1.66
C VAL A 90 20.07 -1.38 -0.47
N PHE A 91 19.85 -1.88 0.75
CA PHE A 91 20.08 -1.10 1.98
C PHE A 91 21.50 -0.58 2.07
N ALA A 92 22.47 -1.39 1.69
CA ALA A 92 23.87 -1.03 1.83
C ALA A 92 24.14 0.07 0.83
N ALA A 93 23.60 -0.10 -0.39
CA ALA A 93 23.74 0.91 -1.42
C ALA A 93 23.10 2.20 -0.97
N ALA A 94 21.97 2.11 -0.27
CA ALA A 94 21.30 3.37 0.18
C ALA A 94 22.16 4.07 1.23
N ILE A 95 22.75 3.31 2.10
CA ILE A 95 23.69 3.87 3.09
C ILE A 95 24.90 4.53 2.44
N LYS A 96 25.57 3.80 1.56
CA LYS A 96 26.71 4.39 0.85
C LYS A 96 26.39 5.73 0.14
N HIS A 97 25.20 5.82 -0.45
CA HIS A 97 24.76 6.98 -1.22
C HIS A 97 24.36 8.14 -0.29
N SER A 98 23.96 7.82 0.93
CA SER A 98 23.41 8.84 1.85
C SER A 98 24.04 8.93 3.26
N THR A 99 24.92 9.91 3.47
CA THR A 99 25.46 10.19 4.81
C THR A 99 24.34 10.51 5.79
N LEU A 100 23.25 11.13 5.33
CA LEU A 100 22.16 11.45 6.22
C LEU A 100 21.55 10.18 6.84
N LEU A 101 21.32 9.16 5.99
CA LEU A 101 20.86 7.84 6.45
C LEU A 101 21.94 7.14 7.30
N GLY A 102 23.14 7.02 6.76
CA GLY A 102 24.21 6.32 7.48
C GLY A 102 24.46 6.87 8.89
N ASP A 103 24.56 8.20 9.01
CA ASP A 103 24.79 8.87 10.29
C ASP A 103 23.60 8.69 11.24
N PHE A 104 22.38 8.60 10.70
CA PHE A 104 21.23 8.27 11.55
C PHE A 104 21.46 6.93 12.27
N LEU A 105 21.91 5.94 11.50
CA LEU A 105 22.14 4.60 11.95
C LEU A 105 23.29 4.63 12.94
N ASP A 106 24.41 5.24 12.54
CA ASP A 106 25.63 5.26 13.30
C ASP A 106 25.53 5.99 14.62
N LEU A 107 24.95 7.18 14.61
CA LEU A 107 24.98 8.06 15.78
C LEU A 107 23.72 8.03 16.63
N VAL A 108 22.62 7.47 16.12
CA VAL A 108 21.35 7.43 16.88
CA VAL A 108 21.40 7.41 16.93
C VAL A 108 20.82 6.00 17.06
N VAL A 109 20.53 5.34 15.95
CA VAL A 109 20.00 3.97 16.06
C VAL A 109 20.93 3.05 16.85
N ARG A 110 22.22 3.08 16.55
CA ARG A 110 23.10 2.18 17.27
C ARG A 110 22.96 2.36 18.80
N ASP A 111 22.97 3.60 19.31
CA ASP A 111 22.94 3.80 20.76
C ASP A 111 21.59 3.45 21.38
N GLN A 112 20.51 3.53 20.61
CA GLN A 112 19.20 3.12 21.11
C GLN A 112 19.19 1.65 21.49
N PHE A 113 19.93 0.82 20.77
CA PHE A 113 19.96 -0.63 21.05
C PHE A 113 20.65 -0.89 22.39
N ARG A 114 21.04 0.18 23.08
CA ARG A 114 21.47 -0.02 24.44
C ARG A 114 20.31 -0.04 25.43
N MET A 115 19.21 0.62 25.11
CA MET A 115 18.03 0.55 26.00
C MET A 115 17.55 -0.87 26.18
N PHE A 116 16.71 -1.07 27.19
CA PHE A 116 15.84 -2.23 27.28
CA PHE A 116 15.92 -2.26 27.11
C PHE A 116 14.61 -1.91 26.42
N ARG A 117 14.21 -2.81 25.53
CA ARG A 117 13.15 -2.53 24.57
C ARG A 117 13.48 -1.24 23.84
N PRO A 118 14.52 -1.28 22.99
CA PRO A 118 14.89 -0.12 22.22
C PRO A 118 13.71 0.36 21.36
N ASP A 119 13.58 1.67 21.26
CA ASP A 119 12.65 2.28 20.31
C ASP A 119 13.30 3.43 19.54
N LEU A 120 12.56 3.92 18.54
CA LEU A 120 13.06 5.02 17.74
C LEU A 120 11.90 5.96 17.41
N PRO A 121 11.37 6.66 18.43
CA PRO A 121 10.25 7.55 18.14
C PRO A 121 10.70 8.72 17.27
N ARG A 122 9.75 9.29 16.54
CA ARG A 122 10.02 10.40 15.60
C ARG A 122 10.75 11.61 16.17
N LYS A 123 10.54 11.96 17.44
CA LYS A 123 11.32 13.07 18.05
C LYS A 123 12.83 12.85 17.90
N MET A 124 13.26 11.59 17.82
CA MET A 124 14.69 11.23 17.68
C MET A 124 15.21 11.59 16.31
N TRP A 125 14.36 11.43 15.30
CA TRP A 125 14.70 11.88 13.96
C TRP A 125 14.75 13.41 13.91
N ASP A 126 13.74 14.04 14.48
CA ASP A 126 13.65 15.49 14.58
C ASP A 126 14.91 16.10 15.19
N GLN A 127 15.33 15.56 16.32
CA GLN A 127 16.44 16.09 17.08
C GLN A 127 17.78 15.80 16.37
N TYR A 128 17.82 14.71 15.64
CA TYR A 128 18.98 14.36 14.79
C TYR A 128 19.14 15.41 13.69
N LEU A 129 18.05 15.71 13.01
CA LEU A 129 18.10 16.80 12.04
C LEU A 129 18.58 18.10 12.65
N GLU A 130 18.06 18.48 13.82
CA GLU A 130 18.58 19.65 14.56
C GLU A 130 20.13 19.62 14.69
N GLN A 131 20.67 18.49 15.12
CA GLN A 131 22.10 18.26 15.20
C GLN A 131 22.81 18.34 13.85
N CYS A 132 22.22 17.75 12.80
CA CYS A 132 22.83 17.75 11.48
C CYS A 132 23.03 19.19 11.02
N ARG A 133 22.01 20.03 11.23
CA ARG A 133 22.10 21.47 10.88
C ARG A 133 23.27 22.17 11.60
N ASN A 134 23.36 21.93 12.91
CA ASN A 134 24.46 22.40 13.75
C ASN A 134 25.81 22.00 13.16
N ARG A 135 25.90 20.76 12.70
CA ARG A 135 27.14 20.15 12.24
C ARG A 135 27.47 20.52 10.80
N ASP A 136 26.45 20.90 10.03
CA ASP A 136 26.64 21.22 8.63
C ASP A 136 26.11 22.63 8.28
N PRO A 137 26.97 23.68 8.38
CA PRO A 137 26.54 25.04 8.04
C PRO A 137 26.13 25.20 6.58
N LEU A 138 26.46 24.21 5.76
CA LEU A 138 26.20 24.26 4.32
C LEU A 138 24.94 23.47 3.93
N MET A 139 24.27 22.86 4.90
CA MET A 139 23.05 22.10 4.61
C MET A 139 22.06 22.89 3.77
N ASP A 144 8.63 22.44 4.46
CA ASP A 144 7.98 21.46 5.34
C ASP A 144 7.64 20.15 4.65
N SER A 145 7.09 20.25 3.44
CA SER A 145 6.58 19.08 2.72
C SER A 145 7.72 18.09 2.44
N THR A 146 8.90 18.63 2.12
CA THR A 146 10.09 17.80 1.87
C THR A 146 10.52 17.09 3.15
N ALA A 147 10.60 17.85 4.25
CA ALA A 147 10.95 17.30 5.55
C ALA A 147 10.06 16.12 5.93
N ASN A 148 8.75 16.28 5.81
CA ASN A 148 7.83 15.22 6.20
C ASN A 148 7.95 13.97 5.35
N LYS A 149 8.15 14.17 4.05
CA LYS A 149 8.29 13.06 3.12
C LYS A 149 9.61 12.38 3.42
N LEU A 150 10.63 13.19 3.75
CA LEU A 150 11.96 12.73 4.17
C LEU A 150 11.94 11.78 5.37
N ALA A 151 11.27 12.19 6.44
CA ALA A 151 11.17 11.38 7.67
C ALA A 151 10.44 10.09 7.40
N ASP A 152 9.34 10.20 6.64
CA ASP A 152 8.52 9.06 6.25
C ASP A 152 9.37 8.04 5.48
N CYS A 153 10.22 8.55 4.60
CA CYS A 153 11.04 7.67 3.77
C CYS A 153 12.09 6.97 4.61
N VAL A 154 12.78 7.69 5.47
CA VAL A 154 13.75 7.03 6.35
C VAL A 154 13.10 5.94 7.19
N TYR A 155 11.95 6.22 7.80
CA TYR A 155 11.32 5.17 8.61
C TYR A 155 10.80 4.03 7.78
N ARG A 156 10.35 4.30 6.55
CA ARG A 156 9.91 3.22 5.66
C ARG A 156 11.10 2.27 5.32
N ILE A 157 12.27 2.85 5.06
CA ILE A 157 13.49 2.07 4.82
C ILE A 157 13.75 1.14 5.99
N LEU A 158 13.59 1.67 7.19
CA LEU A 158 13.88 0.91 8.39
C LEU A 158 12.85 -0.17 8.59
N VAL A 159 11.60 0.09 8.20
CA VAL A 159 10.56 -0.94 8.23
C VAL A 159 10.91 -2.04 7.19
N GLU A 160 11.31 -1.64 5.99
CA GLU A 160 11.61 -2.61 4.92
C GLU A 160 12.73 -3.57 5.32
N VAL A 161 13.80 -3.02 5.89
CA VAL A 161 14.92 -3.88 6.27
C VAL A 161 14.60 -4.67 7.53
N GLY A 162 13.63 -4.20 8.31
CA GLY A 162 13.17 -4.94 9.47
C GLY A 162 13.62 -4.39 10.80
N TYR A 163 14.37 -3.28 10.79
CA TYR A 163 14.75 -2.63 12.06
C TYR A 163 13.55 -2.16 12.91
N ILE A 164 12.44 -1.78 12.26
CA ILE A 164 11.23 -1.25 12.93
C ILE A 164 10.03 -2.11 12.59
N THR A 169 4.59 1.37 17.77
CA THR A 169 5.52 1.33 18.90
C THR A 169 6.86 2.03 18.58
N TYR A 170 7.16 2.16 17.30
CA TYR A 170 8.53 2.38 16.80
C TYR A 170 9.59 1.56 17.52
N ARG A 171 9.18 0.37 17.98
CA ARG A 171 10.12 -0.57 18.60
C ARG A 171 11.15 -1.06 17.62
N LEU A 172 12.38 -1.14 18.09
CA LEU A 172 13.46 -1.58 17.23
C LEU A 172 13.72 -3.05 17.48
N LYS A 173 14.14 -3.77 16.44
CA LYS A 173 14.55 -5.16 16.57
C LYS A 173 15.87 -5.32 15.87
N SER A 174 16.67 -6.27 16.37
CA SER A 174 17.93 -6.54 15.74
C SER A 174 17.64 -7.28 14.45
N VAL A 175 18.52 -7.06 13.47
CA VAL A 175 18.44 -7.70 12.17
C VAL A 175 19.83 -8.16 11.80
N ARG A 176 19.94 -9.45 11.45
CA ARG A 176 21.18 -10.09 11.02
C ARG A 176 21.37 -9.85 9.53
N ILE A 177 22.41 -9.09 9.17
CA ILE A 177 22.73 -8.87 7.76
C ILE A 177 23.36 -10.14 7.17
N SER A 178 22.87 -10.52 6.01
CA SER A 178 23.29 -11.74 5.38
C SER A 178 24.80 -11.74 5.17
N GLY A 179 25.38 -12.92 5.37
CA GLY A 179 26.79 -13.14 5.21
C GLY A 179 27.24 -12.80 3.82
N GLU A 180 26.37 -13.02 2.82
CA GLU A 180 26.69 -12.69 1.43
C GLU A 180 26.87 -11.18 1.25
N VAL A 181 26.01 -10.41 1.89
CA VAL A 181 26.13 -8.97 1.76
C VAL A 181 27.37 -8.49 2.49
N MET A 182 27.55 -9.00 3.72
CA MET A 182 28.70 -8.58 4.53
C MET A 182 30.05 -8.92 3.87
N SER A 183 30.12 -10.07 3.20
CA SER A 183 31.34 -10.51 2.52
C SER A 183 31.65 -9.52 1.39
N TYR A 184 30.62 -9.15 0.62
CA TYR A 184 30.82 -8.16 -0.43
C TYR A 184 31.38 -6.84 0.12
N LEU A 185 30.79 -6.37 1.22
CA LEU A 185 31.19 -5.11 1.85
C LEU A 185 32.61 -5.11 2.38
N ARG A 186 33.02 -6.20 3.04
CA ARG A 186 34.39 -6.38 3.55
C ARG A 186 35.35 -6.39 2.38
N GLU A 187 35.04 -7.23 1.38
CA GLU A 187 35.93 -7.43 0.24
C GLU A 187 36.13 -6.16 -0.59
N ASN A 188 35.14 -5.26 -0.53
CA ASN A 188 35.18 -3.98 -1.19
C ASN A 188 35.52 -2.82 -0.28
N ASN A 189 36.00 -3.12 0.93
CA ASN A 189 36.60 -2.07 1.77
C ASN A 189 35.58 -1.01 2.21
N GLU A 190 34.35 -1.44 2.34
CA GLU A 190 33.31 -0.48 2.60
C GLU A 190 33.15 -0.19 4.07
N GLN A 191 34.20 0.40 4.65
CA GLN A 191 34.26 0.71 6.07
C GLN A 191 33.01 1.42 6.57
N TYR A 192 32.60 2.43 5.83
CA TYR A 192 31.52 3.27 6.35
C TYR A 192 30.23 2.52 6.33
N VAL A 193 29.92 1.87 5.19
CA VAL A 193 28.67 1.06 5.15
C VAL A 193 28.66 -0.03 6.24
N ILE A 194 29.80 -0.68 6.41
CA ILE A 194 29.94 -1.73 7.41
C ILE A 194 29.52 -1.24 8.78
N ARG A 195 30.08 -0.10 9.19
CA ARG A 195 29.83 0.49 10.49
C ARG A 195 28.36 0.84 10.72
N CYS A 196 27.70 1.30 9.65
CA CYS A 196 26.31 1.80 9.73
C CYS A 196 25.25 0.72 9.56
N ILE A 197 25.57 -0.32 8.78
CA ILE A 197 24.55 -1.29 8.35
C ILE A 197 24.15 -2.25 9.45
N GLN A 198 25.09 -2.51 10.36
CA GLN A 198 24.86 -3.46 11.44
C GLN A 198 25.09 -2.67 12.70
N VAL A 199 24.00 -2.32 13.37
CA VAL A 199 24.09 -1.49 14.57
C VAL A 199 23.39 -2.16 15.75
N SER A 200 23.10 -3.45 15.61
CA SER A 200 22.44 -4.19 16.69
C SER A 200 23.27 -5.40 17.12
N PRO B 6 -20.21 -19.36 -10.12
CA PRO B 6 -21.35 -18.93 -9.28
C PRO B 6 -21.68 -17.47 -9.47
N ARG B 7 -22.96 -17.18 -9.42
CA ARG B 7 -23.45 -15.82 -9.42
C ARG B 7 -23.02 -15.08 -8.13
N TYR B 8 -23.13 -15.79 -6.98
CA TYR B 8 -22.83 -15.24 -5.67
C TYR B 8 -21.57 -15.84 -5.05
N LYS B 9 -20.74 -14.99 -4.48
CA LYS B 9 -19.53 -15.41 -3.80
C LYS B 9 -19.44 -14.76 -2.42
N ALA B 10 -18.51 -15.25 -1.60
CA ALA B 10 -18.27 -14.75 -0.27
C ALA B 10 -17.07 -13.80 -0.18
N ASP B 11 -16.51 -13.41 -1.32
CA ASP B 11 -15.35 -12.51 -1.32
C ASP B 11 -15.52 -11.27 -0.43
N ILE B 12 -16.61 -10.54 -0.65
CA ILE B 12 -17.02 -9.37 0.15
C ILE B 12 -16.70 -9.46 1.65
N GLY B 13 -16.73 -10.67 2.19
CA GLY B 13 -16.39 -10.97 3.60
C GLY B 13 -14.97 -10.60 4.01
N GLY B 14 -14.17 -10.17 3.04
CA GLY B 14 -12.82 -9.74 3.34
C GLY B 14 -12.75 -8.40 4.05
N GLY B 15 -13.73 -7.51 3.82
CA GLY B 15 -13.72 -6.19 4.45
C GLY B 15 -14.87 -5.31 3.99
N SER B 16 -15.23 -4.35 4.83
CA SER B 16 -16.15 -3.31 4.43
C SER B 16 -15.39 -2.29 3.58
N LEU B 17 -15.85 -1.03 3.46
CA LEU B 17 -15.25 -0.14 2.47
C LEU B 17 -13.89 0.41 2.92
N LYS B 18 -13.70 0.58 4.22
CA LYS B 18 -12.40 0.93 4.81
C LYS B 18 -11.70 2.00 4.02
N LEU B 19 -12.29 3.18 4.03
CA LEU B 19 -11.88 4.30 3.17
C LEU B 19 -10.39 4.64 3.28
N PRO B 20 -9.86 4.85 4.51
CA PRO B 20 -8.45 5.23 4.49
C PRO B 20 -7.51 4.17 3.83
N GLU B 21 -7.75 2.88 4.07
CA GLU B 21 -6.92 1.80 3.45
C GLU B 21 -7.23 1.77 1.94
N SER B 22 -8.50 1.97 1.58
CA SER B 22 -8.85 2.14 0.15
C SER B 22 -8.13 3.25 -0.56
N ARG B 23 -7.99 4.42 0.10
CA ARG B 23 -7.20 5.53 -0.44
C ARG B 23 -5.76 5.07 -0.67
N ILE B 24 -5.16 4.41 0.32
CA ILE B 24 -3.77 3.94 0.11
C ILE B 24 -3.66 3.01 -1.10
N ILE B 25 -4.58 2.08 -1.19
CA ILE B 25 -4.57 1.15 -2.31
C ILE B 25 -4.80 1.89 -3.65
N ALA B 26 -5.76 2.81 -3.66
CA ALA B 26 -6.02 3.68 -4.82
C ALA B 26 -4.76 4.38 -5.34
N GLY B 27 -3.91 4.81 -4.42
CA GLY B 27 -2.65 5.45 -4.79
C GLY B 27 -1.69 4.47 -5.42
N LEU B 28 -1.61 3.28 -4.84
CA LEU B 28 -0.78 2.18 -5.39
C LEU B 28 -1.20 1.87 -6.84
N LEU B 29 -2.49 1.65 -7.05
CA LEU B 29 -3.05 1.44 -8.39
C LEU B 29 -2.76 2.58 -9.36
N LEU B 30 -2.85 3.84 -8.89
CA LEU B 30 -2.60 4.99 -9.72
C LEU B 30 -1.12 5.10 -10.11
N GLU B 31 -0.22 4.79 -9.17
CA GLU B 31 1.21 4.72 -9.47
C GLU B 31 1.53 3.61 -10.48
N GLY B 32 0.80 2.51 -10.35
CA GLY B 32 1.11 1.29 -11.08
C GLY B 32 1.76 0.26 -10.16
N VAL B 33 1.08 -0.88 -9.96
CA VAL B 33 1.65 -1.96 -9.17
C VAL B 33 1.54 -3.30 -9.85
N THR B 34 2.69 -3.91 -10.16
CA THR B 34 2.74 -5.32 -10.53
C THR B 34 2.50 -6.15 -9.28
N GLU B 35 2.36 -7.47 -9.42
CA GLU B 35 2.13 -8.29 -8.22
C GLU B 35 3.34 -8.18 -7.28
N ASP B 36 4.52 -8.01 -7.88
CA ASP B 36 5.77 -7.95 -7.11
C ASP B 36 5.83 -6.65 -6.30
N GLN B 37 5.44 -5.56 -6.94
CA GLN B 37 5.42 -4.29 -6.26
C GLN B 37 4.31 -4.24 -5.22
N TRP B 38 3.19 -4.90 -5.53
CA TRP B 38 2.02 -4.91 -4.65
C TRP B 38 2.41 -5.65 -3.40
N ARG B 39 2.99 -6.82 -3.60
CA ARG B 39 3.43 -7.61 -2.49
C ARG B 39 4.45 -6.81 -1.70
N HIS B 40 5.38 -6.11 -2.35
CA HIS B 40 6.36 -5.33 -1.63
CA HIS B 40 6.33 -5.35 -1.57
C HIS B 40 5.70 -4.25 -0.77
N ALA B 41 4.83 -3.48 -1.41
CA ALA B 41 4.08 -2.43 -0.71
C ALA B 41 3.33 -2.93 0.51
N ILE B 42 2.64 -4.06 0.40
CA ILE B 42 1.76 -4.55 1.50
C ILE B 42 2.54 -5.23 2.57
N GLU B 43 3.46 -6.12 2.19
CA GLU B 43 4.09 -6.97 3.19
C GLU B 43 5.46 -6.50 3.64
N VAL B 44 6.12 -5.69 2.80
CA VAL B 44 7.46 -5.20 3.12
C VAL B 44 7.50 -3.73 3.56
N GLU B 45 7.01 -2.82 2.71
CA GLU B 45 6.90 -1.41 3.14
C GLU B 45 5.82 -1.30 4.25
N ASN B 46 4.86 -2.22 4.23
CA ASN B 46 3.78 -2.20 5.22
C ASN B 46 2.97 -0.90 5.12
N VAL B 47 2.45 -0.62 3.92
CA VAL B 47 1.71 0.64 3.73
C VAL B 47 0.45 0.75 4.62
N LEU B 48 -0.11 -0.40 5.06
CA LEU B 48 -1.32 -0.38 5.94
C LEU B 48 -0.98 -0.39 7.44
N GLN B 49 0.31 -0.38 7.75
CA GLN B 49 0.75 -0.30 9.13
C GLN B 49 0.20 -1.48 9.99
N ARG B 50 0.14 -2.66 9.40
CA ARG B 50 -0.19 -3.87 10.18
C ARG B 50 0.89 -4.21 11.22
N ARG B 51 0.50 -4.77 12.35
CA ARG B 51 1.47 -5.43 13.22
C ARG B 51 1.87 -6.73 12.54
N LYS B 57 -3.50 -9.64 3.86
CA LYS B 57 -3.49 -10.19 2.49
C LYS B 57 -4.86 -10.45 1.87
N ARG B 58 -5.73 -11.18 2.56
CA ARG B 58 -7.10 -11.40 2.07
C ARG B 58 -7.76 -10.05 1.93
N GLN B 59 -7.68 -9.26 3.01
CA GLN B 59 -8.25 -7.92 3.05
C GLN B 59 -7.65 -6.99 1.97
N SER B 60 -6.32 -7.00 1.83
CA SER B 60 -5.68 -6.09 0.88
C SER B 60 -6.01 -6.50 -0.55
N SER B 61 -5.95 -7.81 -0.83
CA SER B 61 -6.36 -8.33 -2.15
C SER B 61 -7.77 -7.90 -2.52
N LEU B 62 -8.71 -8.02 -1.57
CA LEU B 62 -10.10 -7.60 -1.79
CA LEU B 62 -10.10 -7.61 -1.76
C LEU B 62 -10.26 -6.12 -2.14
N MET B 63 -9.62 -5.22 -1.37
CA MET B 63 -9.72 -3.81 -1.65
C MET B 63 -9.15 -3.54 -3.03
N ARG B 64 -8.00 -4.15 -3.36
CA ARG B 64 -7.44 -3.97 -4.67
C ARG B 64 -8.39 -4.49 -5.74
N ASN B 65 -8.82 -5.74 -5.59
CA ASN B 65 -9.71 -6.34 -6.56
C ASN B 65 -10.98 -5.55 -6.79
N ARG B 66 -11.61 -5.06 -5.70
CA ARG B 66 -12.78 -4.17 -5.82
C ARG B 66 -12.47 -2.98 -6.71
N LEU B 67 -11.40 -2.27 -6.38
CA LEU B 67 -11.02 -1.06 -7.10
C LEU B 67 -10.68 -1.33 -8.56
N GLU B 68 -10.09 -2.49 -8.82
CA GLU B 68 -9.64 -2.85 -10.17
C GLU B 68 -10.82 -3.24 -11.05
N THR B 69 -12.03 -3.32 -10.48
CA THR B 69 -13.21 -3.45 -11.37
C THR B 69 -13.46 -2.15 -12.08
N MET B 70 -12.85 -1.09 -11.57
CA MET B 70 -13.08 0.26 -12.08
C MET B 70 -11.74 0.77 -12.60
N GLY B 71 -11.75 1.95 -13.20
CA GLY B 71 -10.53 2.54 -13.79
C GLY B 71 -9.93 3.74 -13.03
N PRO B 72 -8.80 4.26 -13.53
CA PRO B 72 -8.03 5.33 -12.86
C PRO B 72 -8.85 6.52 -12.38
N GLU B 73 -9.83 6.96 -13.18
CA GLU B 73 -10.66 8.13 -12.80
C GLU B 73 -11.38 7.93 -11.47
N LEU B 74 -11.78 6.69 -11.21
CA LEU B 74 -12.49 6.38 -9.99
C LEU B 74 -11.41 6.23 -8.90
N TRP B 75 -10.27 5.68 -9.25
CA TRP B 75 -9.17 5.56 -8.27
C TRP B 75 -8.83 6.96 -7.78
N GLN B 76 -8.89 7.96 -8.66
CA GLN B 76 -8.48 9.30 -8.21
C GLN B 76 -9.51 9.97 -7.29
N MET B 77 -10.79 9.72 -7.53
CA MET B 77 -11.86 10.07 -6.62
C MET B 77 -11.68 9.43 -5.22
N VAL B 78 -11.34 8.14 -5.20
CA VAL B 78 -11.01 7.45 -3.96
C VAL B 78 -9.75 8.06 -3.29
N ARG B 79 -8.65 8.20 -4.03
CA ARG B 79 -7.46 8.76 -3.43
C ARG B 79 -7.64 10.21 -2.92
N ASP B 80 -8.31 11.05 -3.70
CA ASP B 80 -8.25 12.52 -3.50
C ASP B 80 -9.52 13.23 -3.08
N GLY B 81 -10.66 12.56 -3.23
CA GLY B 81 -11.95 13.19 -3.05
C GLY B 81 -12.31 13.43 -1.60
N SER B 82 -13.33 14.25 -1.38
CA SER B 82 -13.92 14.43 -0.07
C SER B 82 -14.35 13.07 0.46
N THR B 83 -14.52 12.98 1.78
CA THR B 83 -14.99 11.77 2.40
C THR B 83 -16.24 11.25 1.69
N GLN B 84 -17.22 12.10 1.44
CA GLN B 84 -18.44 11.61 0.83
C GLN B 84 -18.21 11.05 -0.56
N VAL B 85 -17.57 11.82 -1.42
CA VAL B 85 -17.26 11.34 -2.78
C VAL B 85 -16.44 10.05 -2.77
N ALA B 86 -15.36 10.05 -1.99
CA ALA B 86 -14.47 8.88 -1.96
C ALA B 86 -15.19 7.65 -1.41
N ILE B 87 -15.89 7.77 -0.27
CA ILE B 87 -16.61 6.59 0.25
C ILE B 87 -17.65 6.03 -0.76
N GLN B 88 -18.35 6.91 -1.47
CA GLN B 88 -19.41 6.45 -2.40
C GLN B 88 -18.72 5.78 -3.60
N ALA B 89 -17.54 6.27 -3.98
CA ALA B 89 -16.81 5.70 -5.11
C ALA B 89 -16.32 4.26 -4.78
N VAL B 90 -15.86 4.10 -3.54
CA VAL B 90 -15.51 2.77 -3.07
C VAL B 90 -16.78 1.91 -3.08
N PHE B 91 -17.90 2.40 -2.54
CA PHE B 91 -19.21 1.69 -2.55
C PHE B 91 -19.58 1.17 -3.96
N ALA B 92 -19.35 2.01 -4.94
CA ALA B 92 -19.70 1.73 -6.35
C ALA B 92 -18.84 0.55 -6.78
N ALA B 93 -17.54 0.66 -6.49
CA ALA B 93 -16.65 -0.43 -6.80
C ALA B 93 -17.03 -1.71 -6.08
N ALA B 94 -17.43 -1.59 -4.80
CA ALA B 94 -17.76 -2.83 -4.08
C ALA B 94 -19.00 -3.45 -4.71
N ILE B 95 -19.96 -2.64 -5.16
CA ILE B 95 -21.15 -3.16 -5.87
C ILE B 95 -20.74 -3.85 -7.17
N LYS B 96 -19.88 -3.21 -7.97
CA LYS B 96 -19.45 -3.81 -9.22
C LYS B 96 -18.73 -5.15 -8.95
N HIS B 97 -17.95 -5.19 -7.88
CA HIS B 97 -17.24 -6.41 -7.49
C HIS B 97 -18.13 -7.55 -6.92
N SER B 98 -19.25 -7.18 -6.30
CA SER B 98 -20.07 -8.11 -5.53
C SER B 98 -21.53 -8.14 -5.94
N THR B 99 -21.92 -9.13 -6.74
CA THR B 99 -23.33 -9.37 -7.01
C THR B 99 -24.11 -9.69 -5.71
N LEU B 100 -23.46 -10.33 -4.73
CA LEU B 100 -24.15 -10.49 -3.44
C LEU B 100 -24.60 -9.13 -2.83
N LEU B 101 -23.72 -8.12 -2.91
CA LEU B 101 -24.01 -6.78 -2.38
C LEU B 101 -25.07 -6.08 -3.26
N GLY B 102 -24.82 -6.10 -4.56
CA GLY B 102 -25.69 -5.41 -5.52
C GLY B 102 -27.15 -5.85 -5.42
N ASP B 103 -27.33 -7.17 -5.37
CA ASP B 103 -28.68 -7.74 -5.44
C ASP B 103 -29.32 -7.55 -4.07
N PHE B 104 -28.55 -7.61 -2.98
CA PHE B 104 -29.19 -7.22 -1.70
C PHE B 104 -29.83 -5.80 -1.79
N LEU B 105 -29.11 -4.84 -2.37
CA LEU B 105 -29.57 -3.50 -2.57
C LEU B 105 -30.77 -3.53 -3.50
N ASP B 106 -30.62 -4.14 -4.68
CA ASP B 106 -31.61 -4.14 -5.74
C ASP B 106 -32.91 -4.85 -5.36
N LEU B 107 -32.78 -5.99 -4.69
CA LEU B 107 -33.96 -6.85 -4.56
C LEU B 107 -34.57 -6.79 -3.18
N VAL B 108 -33.85 -6.18 -2.23
CA VAL B 108 -34.30 -6.17 -0.84
C VAL B 108 -34.39 -4.78 -0.27
N VAL B 109 -33.25 -4.10 -0.16
CA VAL B 109 -33.26 -2.70 0.30
C VAL B 109 -34.24 -1.81 -0.45
N ARG B 110 -34.21 -1.86 -1.78
CA ARG B 110 -35.08 -1.00 -2.60
C ARG B 110 -36.54 -1.17 -2.19
N ASP B 111 -36.98 -2.42 -2.06
CA ASP B 111 -38.39 -2.68 -1.70
C ASP B 111 -38.74 -2.32 -0.28
N GLN B 112 -37.78 -2.47 0.64
CA GLN B 112 -37.94 -1.96 2.01
C GLN B 112 -38.25 -0.44 2.09
N PHE B 113 -37.71 0.37 1.17
CA PHE B 113 -37.94 1.82 1.13
C PHE B 113 -39.39 2.16 0.80
N ARG B 114 -40.16 1.16 0.42
CA ARG B 114 -41.59 1.33 0.23
C ARG B 114 -42.39 1.38 1.52
N MET B 115 -41.87 0.72 2.58
CA MET B 115 -42.43 0.80 3.94
C MET B 115 -42.57 2.24 4.43
N PHE B 116 -43.54 2.45 5.33
CA PHE B 116 -43.76 3.77 5.92
C PHE B 116 -42.53 4.35 6.66
N ARG B 117 -41.94 3.55 7.54
CA ARG B 117 -40.70 3.88 8.24
C ARG B 117 -39.71 2.76 7.90
N PRO B 118 -39.05 2.86 6.74
CA PRO B 118 -38.21 1.78 6.26
C PRO B 118 -37.18 1.26 7.26
N ASP B 119 -37.04 -0.06 7.30
CA ASP B 119 -35.97 -0.69 8.05
C ASP B 119 -35.44 -1.94 7.39
N LEU B 120 -34.41 -2.53 8.00
CA LEU B 120 -33.72 -3.67 7.40
C LEU B 120 -33.25 -4.63 8.47
N PRO B 121 -34.20 -5.30 9.14
CA PRO B 121 -33.83 -6.32 10.12
C PRO B 121 -33.02 -7.48 9.53
N ARG B 122 -32.21 -8.16 10.35
CA ARG B 122 -31.37 -9.25 9.87
C ARG B 122 -32.14 -10.36 9.16
N LYS B 123 -33.37 -10.60 9.61
CA LYS B 123 -34.26 -11.53 8.94
C LYS B 123 -34.42 -11.27 7.42
N MET B 124 -34.24 -10.02 6.98
CA MET B 124 -34.29 -9.69 5.54
C MET B 124 -33.01 -10.29 4.86
N TRP B 125 -31.88 -10.23 5.55
CA TRP B 125 -30.65 -10.83 5.04
C TRP B 125 -30.77 -12.37 4.94
N ASP B 126 -31.32 -13.00 5.98
CA ASP B 126 -31.54 -14.44 6.01
C ASP B 126 -32.40 -14.89 4.85
N GLN B 127 -33.51 -14.20 4.64
CA GLN B 127 -34.44 -14.57 3.54
C GLN B 127 -33.74 -14.33 2.18
N TYR B 128 -32.90 -13.31 2.14
CA TYR B 128 -32.23 -12.95 0.89
C TYR B 128 -31.33 -14.09 0.50
N LEU B 129 -30.60 -14.60 1.48
CA LEU B 129 -29.70 -15.72 1.22
C LEU B 129 -30.44 -16.96 0.74
N GLU B 130 -31.65 -17.19 1.28
CA GLU B 130 -32.53 -18.28 0.82
CA GLU B 130 -32.45 -18.31 0.81
C GLU B 130 -32.81 -18.11 -0.66
N GLN B 131 -33.14 -16.89 -1.06
CA GLN B 131 -33.47 -16.73 -2.45
C GLN B 131 -32.21 -16.79 -3.35
N CYS B 132 -31.08 -16.33 -2.83
CA CYS B 132 -29.83 -16.41 -3.56
C CYS B 132 -29.53 -17.89 -3.93
N ARG B 133 -29.78 -18.79 -2.98
CA ARG B 133 -29.60 -20.22 -3.21
C ARG B 133 -30.59 -20.77 -4.20
N ASN B 134 -31.79 -20.21 -4.22
CA ASN B 134 -32.76 -20.56 -5.27
C ASN B 134 -32.32 -20.12 -6.67
N ARG B 135 -31.71 -18.92 -6.74
CA ARG B 135 -31.24 -18.33 -8.00
C ARG B 135 -29.98 -19.01 -8.53
N ASP B 136 -29.14 -19.47 -7.61
CA ASP B 136 -27.78 -19.87 -7.93
C ASP B 136 -27.48 -21.28 -7.41
N PRO B 137 -27.62 -22.31 -8.26
CA PRO B 137 -27.40 -23.70 -7.79
C PRO B 137 -25.90 -24.05 -7.62
N LEU B 138 -25.02 -23.10 -7.95
CA LEU B 138 -23.55 -23.28 -7.92
C LEU B 138 -22.88 -22.68 -6.66
N MET B 139 -23.55 -21.73 -5.98
CA MET B 139 -22.97 -21.10 -4.77
C MET B 139 -23.00 -22.08 -3.58
N PRO B 140 -22.15 -21.84 -2.58
CA PRO B 140 -22.20 -22.75 -1.42
C PRO B 140 -23.46 -22.53 -0.56
N VAL B 141 -23.82 -23.49 0.30
CA VAL B 141 -24.87 -23.22 1.27
C VAL B 141 -24.11 -22.89 2.56
N TRP B 142 -23.95 -21.61 2.83
CA TRP B 142 -23.13 -21.19 3.97
C TRP B 142 -23.77 -21.55 5.31
N GLN B 143 -22.91 -21.92 6.27
CA GLN B 143 -23.33 -22.12 7.64
C GLN B 143 -23.80 -20.80 8.21
N ASP B 144 -24.77 -20.85 9.11
CA ASP B 144 -25.39 -19.64 9.63
C ASP B 144 -24.40 -18.63 10.23
N SER B 145 -23.37 -19.13 10.88
CA SER B 145 -22.35 -18.29 11.45
C SER B 145 -21.58 -17.55 10.35
N THR B 146 -21.26 -18.27 9.26
CA THR B 146 -20.62 -17.69 8.07
C THR B 146 -21.53 -16.66 7.41
N ALA B 147 -22.79 -17.05 7.23
CA ALA B 147 -23.84 -16.15 6.72
C ALA B 147 -23.91 -14.85 7.52
N ASN B 148 -23.74 -14.96 8.83
CA ASN B 148 -23.88 -13.78 9.68
C ASN B 148 -22.64 -12.91 9.62
N LYS B 149 -21.48 -13.52 9.42
CA LYS B 149 -20.25 -12.76 9.21
C LYS B 149 -20.37 -11.92 7.92
N LEU B 150 -20.89 -12.53 6.86
CA LEU B 150 -21.11 -11.83 5.60
CA LEU B 150 -21.10 -11.81 5.61
C LEU B 150 -22.07 -10.67 5.82
N ALA B 151 -23.13 -10.93 6.58
CA ALA B 151 -24.10 -9.88 6.88
C ALA B 151 -23.43 -8.72 7.64
N ASP B 152 -22.60 -9.03 8.63
CA ASP B 152 -21.95 -7.94 9.39
C ASP B 152 -21.14 -7.05 8.43
N CYS B 153 -20.55 -7.68 7.43
CA CYS B 153 -19.80 -6.90 6.48
C CYS B 153 -20.68 -6.00 5.64
N VAL B 154 -21.77 -6.56 5.10
CA VAL B 154 -22.70 -5.84 4.25
C VAL B 154 -23.39 -4.73 5.02
N TYR B 155 -23.78 -5.00 6.25
CA TYR B 155 -24.42 -3.99 7.10
C TYR B 155 -23.46 -2.86 7.48
N ARG B 156 -22.19 -3.16 7.68
CA ARG B 156 -21.14 -2.15 7.91
C ARG B 156 -21.01 -1.21 6.71
N ILE B 157 -21.02 -1.81 5.52
CA ILE B 157 -20.98 -1.04 4.27
C ILE B 157 -22.19 -0.11 4.27
N LEU B 158 -23.37 -0.61 4.61
CA LEU B 158 -24.54 0.28 4.56
C LEU B 158 -24.50 1.40 5.57
N VAL B 159 -23.91 1.15 6.73
CA VAL B 159 -23.65 2.15 7.76
C VAL B 159 -22.62 3.17 7.27
N GLU B 160 -21.52 2.70 6.69
CA GLU B 160 -20.48 3.56 6.14
C GLU B 160 -21.00 4.61 5.14
N VAL B 161 -21.90 4.18 4.25
CA VAL B 161 -22.42 5.03 3.19
C VAL B 161 -23.64 5.83 3.63
N GLY B 162 -24.25 5.44 4.74
CA GLY B 162 -25.36 6.22 5.28
C GLY B 162 -26.74 5.67 5.09
N TYR B 163 -26.87 4.49 4.44
CA TYR B 163 -28.19 3.86 4.29
C TYR B 163 -28.82 3.46 5.62
N ILE B 164 -27.98 3.03 6.55
CA ILE B 164 -28.43 2.70 7.89
C ILE B 164 -27.89 3.73 8.88
N THR B 165 -28.83 4.38 9.55
CA THR B 165 -28.55 5.49 10.42
C THR B 165 -28.51 5.06 11.89
N ASP B 166 -29.08 3.90 12.16
CA ASP B 166 -29.19 3.39 13.52
C ASP B 166 -28.93 1.87 13.48
N SER B 167 -27.91 1.42 14.21
CA SER B 167 -27.38 0.05 14.12
C SER B 167 -28.17 -0.98 14.91
N LYS B 168 -29.24 -0.55 15.56
CA LYS B 168 -30.06 -1.46 16.36
C LYS B 168 -31.54 -1.46 16.01
N THR B 169 -32.04 -0.35 15.50
CA THR B 169 -33.38 -0.31 14.90
C THR B 169 -33.30 -0.69 13.41
N TYR B 170 -32.08 -0.71 12.88
CA TYR B 170 -31.81 -0.92 11.46
C TYR B 170 -32.69 -0.05 10.57
N ARG B 171 -32.95 1.18 11.01
CA ARG B 171 -33.72 2.11 10.19
C ARG B 171 -32.92 2.56 8.96
N LEU B 172 -33.63 2.69 7.86
CA LEU B 172 -33.03 3.06 6.61
C LEU B 172 -33.25 4.54 6.33
N LYS B 173 -32.21 5.22 5.86
CA LYS B 173 -32.32 6.62 5.35
C LYS B 173 -31.94 6.62 3.89
N SER B 174 -32.58 7.51 3.12
CA SER B 174 -32.24 7.70 1.73
C SER B 174 -30.86 8.33 1.58
N VAL B 175 -30.07 7.84 0.62
CA VAL B 175 -28.80 8.48 0.31
C VAL B 175 -28.79 8.98 -1.11
N ARG B 176 -28.29 10.21 -1.28
CA ARG B 176 -28.16 10.84 -2.58
C ARG B 176 -26.72 10.73 -2.98
N ILE B 177 -26.46 9.97 -4.03
CA ILE B 177 -25.10 9.74 -4.47
C ILE B 177 -24.55 11.04 -5.13
N SER B 178 -23.34 11.45 -4.73
CA SER B 178 -22.67 12.61 -5.27
C SER B 178 -22.68 12.64 -6.80
N GLY B 179 -22.80 13.85 -7.35
CA GLY B 179 -22.81 14.06 -8.78
C GLY B 179 -21.54 13.56 -9.45
N GLU B 180 -20.41 13.62 -8.75
CA GLU B 180 -19.14 13.17 -9.34
C GLU B 180 -19.16 11.67 -9.59
N VAL B 181 -19.77 10.96 -8.67
CA VAL B 181 -19.75 9.52 -8.75
C VAL B 181 -20.76 9.11 -9.80
N MET B 182 -21.95 9.70 -9.76
CA MET B 182 -22.99 9.26 -10.70
C MET B 182 -22.55 9.55 -12.13
N SER B 183 -21.91 10.71 -12.31
CA SER B 183 -21.33 11.06 -13.60
C SER B 183 -20.33 10.04 -14.12
N TYR B 184 -19.40 9.61 -13.26
CA TYR B 184 -18.43 8.60 -13.62
C TYR B 184 -19.17 7.34 -14.09
N LEU B 185 -20.25 7.03 -13.38
CA LEU B 185 -20.89 5.75 -13.60
C LEU B 185 -21.59 5.79 -14.92
N ARG B 186 -22.24 6.92 -15.22
CA ARG B 186 -22.96 7.09 -16.49
C ARG B 186 -21.94 7.09 -17.62
N GLU B 187 -20.89 7.92 -17.52
CA GLU B 187 -19.86 7.95 -18.56
C GLU B 187 -19.30 6.59 -18.93
N ASN B 188 -19.17 5.71 -17.92
CA ASN B 188 -18.60 4.36 -18.11
C ASN B 188 -19.68 3.27 -18.21
N ASN B 189 -20.94 3.65 -18.43
CA ASN B 189 -21.99 2.68 -18.78
C ASN B 189 -22.21 1.61 -17.72
N GLU B 190 -22.06 1.99 -16.44
CA GLU B 190 -22.15 1.04 -15.33
C GLU B 190 -23.61 0.84 -14.91
N GLN B 191 -24.39 0.35 -15.85
CA GLN B 191 -25.82 0.07 -15.64
C GLN B 191 -26.19 -0.58 -14.30
N TYR B 192 -25.56 -1.71 -14.06
CA TYR B 192 -25.86 -2.51 -12.86
C TYR B 192 -25.51 -1.74 -11.59
N VAL B 193 -24.31 -1.16 -11.56
CA VAL B 193 -23.94 -0.30 -10.39
C VAL B 193 -24.96 0.83 -10.19
N ILE B 194 -25.31 1.47 -11.30
CA ILE B 194 -26.28 2.56 -11.23
C ILE B 194 -27.59 2.12 -10.62
N ARG B 195 -28.10 0.96 -11.04
CA ARG B 195 -29.36 0.44 -10.54
C ARG B 195 -29.30 0.23 -9.00
N CYS B 196 -28.15 -0.23 -8.53
CA CYS B 196 -28.03 -0.76 -7.16
C CYS B 196 -27.59 0.30 -6.17
N ILE B 197 -26.91 1.33 -6.65
CA ILE B 197 -26.19 2.22 -5.75
C ILE B 197 -27.15 3.21 -5.07
N GLN B 198 -28.22 3.56 -5.79
CA GLN B 198 -29.21 4.54 -5.34
C GLN B 198 -30.58 3.84 -5.44
N VAL B 199 -31.06 3.30 -4.33
CA VAL B 199 -32.30 2.54 -4.36
C VAL B 199 -33.45 3.34 -3.76
N SER B 200 -33.12 4.50 -3.20
CA SER B 200 -34.11 5.34 -2.54
C SER B 200 -34.34 6.61 -3.36
#